data_8FDO
#
_entry.id   8FDO
#
_cell.length_a   48.390
_cell.length_b   50.580
_cell.length_c   146.240
_cell.angle_alpha   90.00
_cell.angle_beta   96.89
_cell.angle_gamma   90.00
#
_symmetry.space_group_name_H-M   'P 1 21 1'
#
loop_
_entity.id
_entity.type
_entity.pdbx_description
1 polymer 'DH1058 Heavy chain'
2 polymer 'DH1058 Light chain'
3 polymer FP15
4 water water
#
loop_
_entity_poly.entity_id
_entity_poly.type
_entity_poly.pdbx_seq_one_letter_code
_entity_poly.pdbx_strand_id
1 'polypeptide(L)'
;QVQLVQSGGGVVQPGRSLRLSCAASGFNFGDFGMHWVRQAPGKGLEWVAVISYEGRNKNHADSVRGRFTISRDNSRNMLY
LQMNSLRRGDTAVYYCAKENRDRNYDSWSASYSDYYYGMDVWGQGTTVTVSSASTKGPSVFPLAPSSKSTSGGTAALGCL
VKDYFPEPVTVSWNSGALTSGVHTFPAVLQSSGLYSLSSVVTVPSSSLGTQTYICNVNHKPSNTKVDKKVEPKSCDK
;
A
2 'polypeptide(L)'
;DIVMTQSPSFLSASVGDRVTITCRASQGIDRYLAWYQQKPGSAPKLLIYAASTLQSGVPSRFSGSGSETDFTLTISSLQP
DDFATYYCQQLSTYPTITFGQGTRLEIKRTVAAPSVFIFPPSDEQLKSGTASVVCLLNNFYPREAKVQWKVDNALQSGNS
QESVTEQDSKDSTYSLSSTLTLSKADYEKHKVYACEVTHQGLSSPVTKSFNRGEC
;
B
3 'polypeptide(L)'
;MADLRSNWEDLLFNLAQIEKADNAAQVKDALTKMRAAALDAQKATPPKLEDKSPDSPEMKDFRHGFDILVGQIDDALKLA
NEGKVKEAQAAAEQLKTTRKAYIAKYLAKFVAAWTLKAAAGSGLPETGGLEVLFQGPLEHHHHHH
;
C
#
# COMPACT_ATOMS: atom_id res chain seq x y z
N GLN A 1 -16.18 -5.87 -20.57
CA GLN A 1 -15.75 -5.31 -19.30
C GLN A 1 -14.22 -5.22 -19.22
N VAL A 2 -13.69 -4.02 -18.97
CA VAL A 2 -12.26 -3.81 -18.82
C VAL A 2 -11.84 -4.32 -17.44
N GLN A 3 -10.94 -5.30 -17.40
CA GLN A 3 -10.65 -5.93 -16.11
C GLN A 3 -9.32 -6.67 -16.14
N LEU A 4 -8.71 -6.82 -14.96
CA LEU A 4 -7.47 -7.55 -14.74
C LEU A 4 -7.70 -8.57 -13.64
N VAL A 5 -7.39 -9.83 -13.90
CA VAL A 5 -7.61 -10.92 -12.93
C VAL A 5 -6.26 -11.52 -12.59
N GLN A 6 -5.85 -11.37 -11.34
CA GLN A 6 -4.55 -11.86 -10.90
C GLN A 6 -4.64 -13.29 -10.38
N SER A 7 -3.52 -14.00 -10.50
CA SER A 7 -3.36 -15.33 -9.93
C SER A 7 -1.91 -15.50 -9.49
N GLY A 8 -1.64 -16.57 -8.75
CA GLY A 8 -0.33 -16.82 -8.17
C GLY A 8 -0.25 -16.38 -6.72
N GLY A 9 0.98 -16.36 -6.24
CA GLY A 9 1.27 -15.85 -4.91
C GLY A 9 1.33 -16.94 -3.86
N GLY A 10 1.17 -16.53 -2.62
CA GLY A 10 1.11 -17.46 -1.51
C GLY A 10 2.32 -17.34 -0.59
N VAL A 11 2.56 -18.42 0.15
CA VAL A 11 3.69 -18.49 1.08
C VAL A 11 4.90 -19.04 0.34
N VAL A 12 6.02 -18.33 0.45
CA VAL A 12 7.28 -18.75 -0.14
C VAL A 12 8.41 -18.42 0.83
N GLN A 13 9.39 -19.31 0.91
CA GLN A 13 10.50 -19.14 1.83
C GLN A 13 11.53 -18.13 1.31
N PRO A 14 12.35 -17.56 2.20
CA PRO A 14 13.30 -16.54 1.78
C PRO A 14 14.32 -17.08 0.80
N GLY A 15 14.80 -16.20 -0.08
CA GLY A 15 15.79 -16.58 -1.06
C GLY A 15 15.27 -17.39 -2.23
N ARG A 16 14.03 -17.85 -2.19
CA ARG A 16 13.46 -18.58 -3.29
C ARG A 16 12.66 -17.62 -4.19
N SER A 17 11.91 -18.18 -5.13
CA SER A 17 11.30 -17.35 -6.17
C SER A 17 9.83 -17.70 -6.36
N LEU A 18 9.13 -16.79 -7.04
CA LEU A 18 7.71 -16.88 -7.27
C LEU A 18 7.38 -16.08 -8.52
N ARG A 19 6.31 -16.46 -9.21
CA ARG A 19 5.89 -15.75 -10.42
C ARG A 19 4.42 -15.35 -10.29
N LEU A 20 4.15 -14.05 -10.37
CA LEU A 20 2.79 -13.54 -10.37
C LEU A 20 2.29 -13.37 -11.80
N SER A 21 0.99 -13.61 -11.98
CA SER A 21 0.34 -13.50 -13.27
C SER A 21 -0.85 -12.58 -13.17
N CYS A 22 -1.20 -11.98 -14.30
CA CYS A 22 -2.26 -11.00 -14.36
C CYS A 22 -2.86 -11.11 -15.76
N ALA A 23 -4.08 -11.62 -15.84
CA ALA A 23 -4.77 -11.83 -17.10
C ALA A 23 -5.72 -10.67 -17.37
N ALA A 24 -5.57 -10.04 -18.55
CA ALA A 24 -6.35 -8.89 -18.93
C ALA A 24 -7.42 -9.26 -19.94
N SER A 25 -8.55 -8.55 -19.87
CA SER A 25 -9.63 -8.79 -20.81
C SER A 25 -10.47 -7.52 -20.98
N GLY A 26 -11.16 -7.44 -22.11
CA GLY A 26 -12.06 -6.34 -22.37
C GLY A 26 -11.42 -5.08 -22.91
N PHE A 27 -10.13 -5.11 -23.28
CA PHE A 27 -9.50 -3.94 -23.90
C PHE A 27 -8.28 -4.42 -24.68
N ASN A 28 -7.73 -3.52 -25.50
CA ASN A 28 -6.53 -3.83 -26.27
C ASN A 28 -5.33 -3.82 -25.34
N PHE A 29 -5.02 -4.99 -24.76
CA PHE A 29 -3.92 -5.13 -23.81
C PHE A 29 -2.61 -4.55 -24.36
N GLY A 30 -2.29 -4.88 -25.60
CA GLY A 30 -1.00 -4.45 -26.14
C GLY A 30 -0.92 -3.02 -26.59
N ASP A 31 -1.90 -2.17 -26.26
CA ASP A 31 -1.82 -0.75 -26.53
C ASP A 31 -1.41 0.05 -25.30
N PHE A 32 -1.20 -0.60 -24.14
CA PHE A 32 -0.98 0.15 -22.90
C PHE A 32 0.23 -0.37 -22.13
N GLY A 33 0.97 0.54 -21.52
CA GLY A 33 1.92 0.13 -20.50
C GLY A 33 1.20 -0.46 -19.30
N MET A 34 1.90 -1.31 -18.57
CA MET A 34 1.36 -2.00 -17.41
C MET A 34 2.33 -1.89 -16.26
N HIS A 35 1.79 -1.89 -15.03
CA HIS A 35 2.56 -1.65 -13.81
C HIS A 35 2.28 -2.71 -12.76
N TRP A 36 3.26 -2.89 -11.87
CA TRP A 36 3.06 -3.60 -10.62
C TRP A 36 3.26 -2.62 -9.48
N VAL A 37 2.40 -2.75 -8.46
CA VAL A 37 2.37 -1.92 -7.27
C VAL A 37 2.13 -2.84 -6.08
N ARG A 38 2.77 -2.56 -4.95
CA ARG A 38 2.61 -3.45 -3.81
C ARG A 38 2.27 -2.66 -2.55
N GLN A 39 1.76 -3.37 -1.57
CA GLN A 39 1.35 -2.75 -0.31
C GLN A 39 1.65 -3.73 0.81
N ALA A 40 2.66 -3.41 1.61
CA ALA A 40 3.02 -4.23 2.76
C ALA A 40 1.92 -4.14 3.82
N PRO A 41 1.84 -5.13 4.72
CA PRO A 41 0.80 -5.11 5.75
C PRO A 41 0.85 -3.82 6.57
N GLY A 42 -0.26 -3.07 6.52
CA GLY A 42 -0.45 -1.85 7.30
C GLY A 42 0.22 -0.61 6.76
N LYS A 43 0.74 -0.63 5.54
CA LYS A 43 1.54 0.47 5.02
C LYS A 43 0.95 0.98 3.72
N GLY A 44 1.64 1.93 3.09
CA GLY A 44 1.12 2.58 1.91
C GLY A 44 1.48 1.86 0.63
N LEU A 45 1.02 2.43 -0.48
CA LEU A 45 1.33 1.88 -1.80
C LEU A 45 2.79 2.15 -2.17
N GLU A 46 3.43 1.16 -2.78
CA GLU A 46 4.81 1.29 -3.24
C GLU A 46 4.88 0.81 -4.68
N TRP A 47 5.34 1.69 -5.58
CA TRP A 47 5.46 1.35 -6.98
C TRP A 47 6.64 0.40 -7.21
N VAL A 48 6.41 -0.63 -8.02
CA VAL A 48 7.34 -1.75 -8.19
C VAL A 48 7.99 -1.76 -9.59
N ALA A 49 7.17 -1.74 -10.66
CA ALA A 49 7.73 -1.90 -12.02
C ALA A 49 6.72 -1.48 -13.06
N VAL A 50 7.22 -1.19 -14.28
CA VAL A 50 6.42 -0.82 -15.44
C VAL A 50 7.02 -1.48 -16.68
N ILE A 51 6.18 -1.78 -17.66
CA ILE A 51 6.66 -2.31 -18.94
C ILE A 51 5.89 -1.64 -20.08
N SER A 52 6.59 -1.37 -21.19
CA SER A 52 6.00 -0.70 -22.34
C SER A 52 5.03 -1.63 -23.07
N TYR A 53 4.18 -1.01 -23.91
CA TYR A 53 3.08 -1.72 -24.56
C TYR A 53 3.57 -2.95 -25.31
N GLU A 54 4.79 -2.86 -25.84
CA GLU A 54 5.45 -3.84 -26.68
C GLU A 54 6.26 -4.85 -25.90
N GLY A 55 6.57 -4.60 -24.63
CA GLY A 55 7.51 -5.44 -23.90
C GLY A 55 8.97 -5.12 -24.11
N ARG A 56 9.32 -4.08 -24.84
CA ARG A 56 10.72 -3.84 -25.14
C ARG A 56 11.40 -2.96 -24.10
N ASN A 57 10.66 -2.09 -23.43
CA ASN A 57 11.22 -1.18 -22.45
C ASN A 57 10.60 -1.47 -21.10
N LYS A 58 11.42 -1.48 -20.05
CA LYS A 58 10.93 -1.70 -18.70
C LYS A 58 11.81 -0.96 -17.71
N ASN A 59 11.32 -0.88 -16.47
CA ASN A 59 12.00 -0.21 -15.38
C ASN A 59 11.47 -0.76 -14.06
N HIS A 60 12.34 -0.81 -13.04
CA HIS A 60 11.99 -1.36 -11.74
C HIS A 60 12.47 -0.42 -10.63
N ALA A 61 11.74 -0.43 -9.50
CA ALA A 61 12.14 0.35 -8.35
C ALA A 61 13.49 -0.11 -7.82
N ASP A 62 14.23 0.84 -7.23
CA ASP A 62 15.51 0.52 -6.59
C ASP A 62 15.42 -0.66 -5.63
N SER A 63 14.29 -0.80 -4.93
CA SER A 63 14.21 -1.83 -3.89
C SER A 63 14.04 -3.23 -4.45
N VAL A 64 13.70 -3.39 -5.73
CA VAL A 64 13.54 -4.70 -6.34
C VAL A 64 14.44 -4.91 -7.55
N ARG A 65 15.18 -3.88 -7.97
CA ARG A 65 15.98 -4.01 -9.19
C ARG A 65 17.05 -5.09 -9.03
N GLY A 66 17.15 -5.95 -10.04
CA GLY A 66 18.08 -7.06 -10.03
C GLY A 66 17.51 -8.34 -9.47
N ARG A 67 16.35 -8.29 -8.83
CA ARG A 67 15.67 -9.46 -8.27
C ARG A 67 14.32 -9.70 -8.90
N PHE A 68 13.56 -8.65 -9.20
CA PHE A 68 12.25 -8.75 -9.82
C PHE A 68 12.37 -8.39 -11.30
N THR A 69 11.59 -9.07 -12.14
CA THR A 69 11.62 -8.82 -13.59
C THR A 69 10.18 -8.81 -14.09
N ILE A 70 9.74 -7.66 -14.57
CA ILE A 70 8.41 -7.56 -15.15
C ILE A 70 8.50 -8.07 -16.59
N SER A 71 7.43 -8.73 -17.05
CA SER A 71 7.37 -9.14 -18.45
C SER A 71 5.92 -9.30 -18.84
N ARG A 72 5.67 -9.53 -20.14
CA ARG A 72 4.32 -9.60 -20.67
C ARG A 72 4.32 -10.46 -21.92
N ASP A 73 3.15 -11.00 -22.24
CA ASP A 73 2.92 -11.80 -23.44
C ASP A 73 1.63 -11.30 -24.08
N ASN A 74 1.76 -10.40 -25.05
CA ASN A 74 0.57 -9.76 -25.62
C ASN A 74 -0.36 -10.75 -26.28
N SER A 75 0.18 -11.81 -26.90
CA SER A 75 -0.71 -12.73 -27.61
C SER A 75 -1.60 -13.52 -26.66
N ARG A 76 -1.31 -13.51 -25.36
CA ARG A 76 -2.18 -14.17 -24.38
C ARG A 76 -2.74 -13.19 -23.36
N ASN A 77 -2.63 -11.87 -23.61
CA ASN A 77 -3.15 -10.86 -22.69
C ASN A 77 -2.66 -11.10 -21.26
N MET A 78 -1.39 -11.47 -21.12
CA MET A 78 -0.82 -11.81 -19.82
C MET A 78 0.28 -10.84 -19.42
N LEU A 79 0.26 -10.43 -18.15
CA LEU A 79 1.33 -9.69 -17.51
C LEU A 79 1.91 -10.53 -16.37
N TYR A 80 3.23 -10.51 -16.24
CA TYR A 80 3.95 -11.33 -15.28
C TYR A 80 4.85 -10.46 -14.41
N LEU A 81 5.09 -10.93 -13.18
CA LEU A 81 6.15 -10.40 -12.32
C LEU A 81 6.92 -11.60 -11.80
N GLN A 82 8.15 -11.76 -12.27
CA GLN A 82 9.05 -12.81 -11.81
C GLN A 82 9.86 -12.26 -10.64
N MET A 83 9.72 -12.89 -9.47
CA MET A 83 10.37 -12.43 -8.26
C MET A 83 11.35 -13.47 -7.77
N ASN A 84 12.62 -13.13 -7.77
CA ASN A 84 13.67 -14.02 -7.29
C ASN A 84 14.32 -13.42 -6.05
N SER A 85 15.07 -14.25 -5.32
CA SER A 85 15.80 -13.83 -4.13
C SER A 85 14.89 -13.11 -3.14
N LEU A 86 13.73 -13.72 -2.88
CA LEU A 86 12.71 -13.07 -2.07
C LEU A 86 13.21 -12.82 -0.66
N ARG A 87 12.86 -11.65 -0.12
CA ARG A 87 13.20 -11.28 1.25
C ARG A 87 11.92 -11.05 2.05
N ARG A 88 12.00 -11.23 3.36
CA ARG A 88 10.83 -11.02 4.21
C ARG A 88 10.21 -9.65 4.00
N GLY A 89 11.02 -8.64 3.67
CA GLY A 89 10.49 -7.33 3.36
C GLY A 89 9.68 -7.26 2.08
N ASP A 90 9.63 -8.32 1.29
CA ASP A 90 8.80 -8.36 0.09
C ASP A 90 7.38 -8.85 0.36
N THR A 91 7.09 -9.27 1.59
CA THR A 91 5.74 -9.64 2.00
C THR A 91 4.77 -8.48 1.72
N ALA A 92 3.74 -8.74 0.92
CA ALA A 92 2.84 -7.67 0.51
C ALA A 92 1.67 -8.26 -0.25
N VAL A 93 0.63 -7.45 -0.43
CA VAL A 93 -0.31 -7.64 -1.53
C VAL A 93 0.25 -6.92 -2.75
N TYR A 94 0.25 -7.60 -3.90
CA TYR A 94 0.76 -7.07 -5.15
C TYR A 94 -0.41 -6.83 -6.09
N TYR A 95 -0.47 -5.63 -6.69
CA TYR A 95 -1.49 -5.26 -7.66
C TYR A 95 -0.85 -5.05 -9.02
N CYS A 96 -1.50 -5.57 -10.07
CA CYS A 96 -1.19 -5.13 -11.42
C CYS A 96 -2.12 -3.98 -11.77
N ALA A 97 -1.70 -3.12 -12.69
CA ALA A 97 -2.51 -1.96 -12.99
C ALA A 97 -2.23 -1.48 -14.40
N LYS A 98 -3.28 -1.07 -15.10
CA LYS A 98 -3.18 -0.60 -16.47
C LYS A 98 -2.94 0.90 -16.49
N GLU A 99 -2.01 1.33 -17.34
CA GLU A 99 -1.75 2.76 -17.51
C GLU A 99 -2.99 3.46 -18.06
N ASN A 100 -3.29 4.61 -17.48
CA ASN A 100 -4.44 5.42 -17.88
C ASN A 100 -4.05 6.30 -19.06
N ARG A 101 -4.96 6.44 -20.00
CA ARG A 101 -4.82 7.38 -21.11
C ARG A 101 -5.71 8.57 -20.82
N ASP A 102 -5.17 9.78 -21.03
CA ASP A 102 -5.96 10.98 -20.82
C ASP A 102 -7.19 10.95 -21.73
N ARG A 103 -8.35 11.32 -21.17
CA ARG A 103 -9.64 11.10 -21.83
C ARG A 103 -9.84 11.95 -23.08
N ASN A 104 -9.07 13.02 -23.25
CA ASN A 104 -9.20 13.77 -24.49
C ASN A 104 -8.58 13.06 -25.68
N TYR A 105 -7.99 11.88 -25.47
CA TYR A 105 -7.20 11.20 -26.50
C TYR A 105 -7.70 9.77 -26.67
N ASP A 106 -8.09 9.43 -27.90
CA ASP A 106 -8.54 8.08 -28.20
C ASP A 106 -7.38 7.13 -28.45
N SER A 107 -6.30 7.62 -29.04
CA SER A 107 -5.15 6.80 -29.37
C SER A 107 -3.88 7.48 -28.85
N TRP A 108 -2.79 6.71 -28.88
CA TRP A 108 -1.49 7.17 -28.41
C TRP A 108 -1.07 8.48 -29.04
N SER A 109 -0.72 9.45 -28.19
CA SER A 109 -0.17 10.74 -28.60
C SER A 109 1.02 11.10 -27.71
N ALA A 110 1.91 10.14 -27.50
CA ALA A 110 3.14 10.34 -26.73
C ALA A 110 2.77 10.93 -25.37
N SER A 111 3.49 11.95 -24.90
CA SER A 111 3.33 12.46 -23.54
C SER A 111 2.07 13.28 -23.35
N TYR A 112 1.34 13.61 -24.42
CA TYR A 112 0.06 14.29 -24.23
C TYR A 112 -0.98 13.33 -23.67
N SER A 113 -0.90 12.05 -24.02
CA SER A 113 -1.97 11.11 -23.76
C SER A 113 -1.61 9.99 -22.80
N ASP A 114 -0.34 9.59 -22.73
CA ASP A 114 0.07 8.41 -22.00
C ASP A 114 1.14 8.76 -20.96
N TYR A 115 1.46 7.77 -20.13
CA TYR A 115 2.58 7.80 -19.17
C TYR A 115 2.29 8.63 -17.91
N TYR A 116 1.73 9.83 -18.07
CA TYR A 116 1.75 10.81 -16.99
C TYR A 116 0.41 10.97 -16.27
N TYR A 117 -0.53 10.04 -16.46
CA TYR A 117 -1.92 10.30 -16.11
C TYR A 117 -2.48 9.22 -15.20
N GLY A 118 -1.61 8.51 -14.48
CA GLY A 118 -2.04 7.56 -13.48
C GLY A 118 -2.36 6.20 -14.06
N MET A 119 -3.05 5.40 -13.25
CA MET A 119 -3.40 4.03 -13.59
C MET A 119 -4.89 3.84 -13.30
N ASP A 120 -5.67 3.50 -14.33
CA ASP A 120 -7.11 3.51 -14.21
C ASP A 120 -7.73 2.16 -13.85
N VAL A 121 -7.11 1.04 -14.21
CA VAL A 121 -7.71 -0.26 -13.95
C VAL A 121 -6.74 -1.10 -13.14
N TRP A 122 -7.22 -1.72 -12.07
CA TRP A 122 -6.36 -2.43 -11.13
C TRP A 122 -6.84 -3.87 -10.98
N GLY A 123 -5.90 -4.80 -10.87
CA GLY A 123 -6.26 -6.15 -10.48
C GLY A 123 -6.78 -6.18 -9.05
N GLN A 124 -7.26 -7.35 -8.64
CA GLN A 124 -7.85 -7.48 -7.31
C GLN A 124 -6.80 -7.71 -6.22
N GLY A 125 -5.53 -7.92 -6.59
CA GLY A 125 -4.49 -8.08 -5.61
C GLY A 125 -4.14 -9.54 -5.32
N THR A 126 -2.85 -9.80 -5.14
CA THR A 126 -2.35 -11.12 -4.78
C THR A 126 -1.48 -10.98 -3.54
N THR A 127 -1.77 -11.77 -2.51
CA THR A 127 -0.96 -11.76 -1.29
C THR A 127 0.28 -12.62 -1.48
N VAL A 128 1.44 -12.05 -1.14
CA VAL A 128 2.69 -12.79 -1.06
C VAL A 128 3.22 -12.69 0.36
N THR A 129 3.48 -13.84 0.99
CA THR A 129 4.06 -13.90 2.33
C THR A 129 5.41 -14.60 2.22
N VAL A 130 6.48 -13.91 2.62
CA VAL A 130 7.82 -14.46 2.61
C VAL A 130 8.18 -14.79 4.05
N SER A 131 8.29 -16.08 4.37
CA SER A 131 8.51 -16.51 5.74
C SER A 131 9.19 -17.88 5.73
N SER A 132 10.02 -18.10 6.75
CA SER A 132 10.57 -19.42 6.99
C SER A 132 9.69 -20.28 7.89
N ALA A 133 8.55 -19.75 8.32
CA ALA A 133 7.66 -20.49 9.20
C ALA A 133 6.96 -21.63 8.47
N SER A 134 6.56 -22.63 9.23
CA SER A 134 5.82 -23.77 8.71
C SER A 134 4.37 -23.70 9.17
N THR A 135 3.50 -24.39 8.44
CA THR A 135 2.07 -24.36 8.74
C THR A 135 1.80 -24.94 10.12
N LYS A 136 1.19 -24.13 10.99
CA LYS A 136 0.91 -24.53 12.36
C LYS A 136 -0.47 -24.02 12.75
N GLY A 137 -1.25 -24.89 13.38
CA GLY A 137 -2.55 -24.51 13.88
C GLY A 137 -2.43 -23.73 15.17
N PRO A 138 -3.45 -22.94 15.50
CA PRO A 138 -3.36 -22.06 16.66
C PRO A 138 -3.59 -22.82 17.96
N SER A 139 -3.17 -22.19 19.04
CA SER A 139 -3.62 -22.54 20.39
C SER A 139 -4.64 -21.50 20.82
N VAL A 140 -5.73 -21.97 21.44
CA VAL A 140 -6.87 -21.12 21.78
C VAL A 140 -7.09 -21.19 23.29
N PHE A 141 -6.82 -20.07 23.97
CA PHE A 141 -7.01 -19.89 25.40
C PHE A 141 -8.15 -18.92 25.68
N PRO A 142 -8.88 -19.10 26.77
CA PRO A 142 -9.99 -18.20 27.09
C PRO A 142 -9.50 -16.90 27.70
N LEU A 143 -10.31 -15.86 27.52
CA LEU A 143 -10.18 -14.59 28.23
C LEU A 143 -11.40 -14.52 29.14
N ALA A 144 -11.26 -15.09 30.35
CA ALA A 144 -12.40 -15.37 31.19
C ALA A 144 -13.01 -14.08 31.75
N PRO A 145 -14.35 -13.98 31.79
CA PRO A 145 -14.99 -12.82 32.43
C PRO A 145 -14.67 -12.73 33.92
N SER A 146 -13.75 -11.84 34.27
CA SER A 146 -13.33 -11.69 35.66
C SER A 146 -14.37 -10.89 36.44
N SER A 147 -14.09 -10.68 37.72
CA SER A 147 -14.76 -9.62 38.46
C SER A 147 -14.10 -8.27 38.24
N LYS A 148 -13.03 -8.24 37.44
CA LYS A 148 -12.42 -7.01 36.99
C LYS A 148 -12.70 -6.72 35.52
N SER A 149 -13.24 -7.69 34.78
CA SER A 149 -13.84 -7.45 33.47
C SER A 149 -15.28 -6.98 33.62
N THR A 150 -15.46 -6.02 34.52
CA THR A 150 -16.75 -5.60 35.04
C THR A 150 -17.07 -4.19 34.59
N SER A 151 -18.36 -3.92 34.33
CA SER A 151 -18.88 -2.57 34.20
C SER A 151 -20.06 -2.32 35.13
N GLY A 152 -20.47 -3.31 35.92
CA GLY A 152 -21.70 -3.24 36.68
C GLY A 152 -22.95 -3.48 35.86
N GLY A 153 -22.85 -3.50 34.53
CA GLY A 153 -23.98 -3.73 33.66
C GLY A 153 -23.64 -4.67 32.51
N THR A 154 -22.41 -4.60 32.02
CA THR A 154 -21.95 -5.45 30.91
C THR A 154 -20.57 -6.01 31.21
N ALA A 155 -20.38 -7.30 30.92
CA ALA A 155 -19.10 -7.97 31.11
C ALA A 155 -18.41 -8.20 29.77
N ALA A 156 -17.09 -8.26 29.80
CA ALA A 156 -16.27 -8.53 28.62
C ALA A 156 -15.55 -9.86 28.78
N LEU A 157 -15.52 -10.64 27.70
CA LEU A 157 -14.88 -11.95 27.68
C LEU A 157 -14.44 -12.24 26.25
N GLY A 158 -13.43 -13.09 26.12
CA GLY A 158 -12.89 -13.34 24.80
C GLY A 158 -12.06 -14.60 24.70
N CYS A 159 -11.36 -14.72 23.58
CA CYS A 159 -10.54 -15.89 23.25
C CYS A 159 -9.21 -15.43 22.68
N LEU A 160 -8.11 -15.98 23.19
CA LEU A 160 -6.78 -15.67 22.70
C LEU A 160 -6.33 -16.76 21.73
N VAL A 161 -6.13 -16.38 20.47
CA VAL A 161 -5.78 -17.31 19.40
C VAL A 161 -4.28 -17.13 19.12
N LYS A 162 -3.47 -17.97 19.74
CA LYS A 162 -2.03 -17.75 19.80
C LYS A 162 -1.27 -18.69 18.87
N ASP A 163 -0.25 -18.13 18.19
CA ASP A 163 0.81 -18.92 17.57
C ASP A 163 0.34 -19.76 16.39
N TYR A 164 -0.03 -19.14 15.28
CA TYR A 164 -0.42 -19.88 14.09
C TYR A 164 0.24 -19.27 12.86
N PHE A 165 0.23 -20.05 11.77
CA PHE A 165 0.80 -19.62 10.51
C PHE A 165 0.31 -20.56 9.42
N PRO A 166 -0.11 -20.04 8.25
CA PRO A 166 -0.17 -18.62 7.93
C PRO A 166 -1.53 -18.02 8.24
N GLU A 167 -1.74 -16.77 7.84
CA GLU A 167 -3.07 -16.19 7.86
C GLU A 167 -3.97 -16.95 6.87
N PRO A 168 -5.29 -16.93 7.08
CA PRO A 168 -6.04 -16.32 8.19
C PRO A 168 -6.63 -17.35 9.15
N VAL A 169 -7.18 -16.87 10.27
CA VAL A 169 -8.10 -17.66 11.08
C VAL A 169 -9.46 -17.00 11.01
N THR A 170 -10.47 -17.74 11.42
CA THR A 170 -11.82 -17.21 11.54
C THR A 170 -12.30 -17.49 12.94
N VAL A 171 -12.99 -16.51 13.52
CA VAL A 171 -13.54 -16.63 14.86
C VAL A 171 -15.02 -16.31 14.79
N SER A 172 -15.84 -17.18 15.38
CA SER A 172 -17.24 -16.93 15.65
C SER A 172 -17.47 -17.14 17.14
N TRP A 173 -18.68 -16.78 17.59
CA TRP A 173 -19.07 -16.97 18.98
C TRP A 173 -20.42 -17.69 19.00
N ASN A 174 -20.48 -18.83 19.70
CA ASN A 174 -21.62 -19.77 19.68
C ASN A 174 -22.21 -19.95 18.27
N SER A 175 -21.33 -20.11 17.29
CA SER A 175 -21.71 -20.63 15.97
C SER A 175 -22.59 -19.69 15.15
N GLY A 176 -22.39 -18.37 15.27
CA GLY A 176 -23.08 -17.42 14.40
C GLY A 176 -24.17 -16.60 15.08
N ALA A 177 -24.69 -17.04 16.23
CA ALA A 177 -25.86 -16.41 16.83
C ALA A 177 -25.55 -15.12 17.59
N LEU A 178 -24.38 -15.02 18.25
CA LEU A 178 -23.97 -13.79 18.92
C LEU A 178 -23.10 -12.98 17.96
N THR A 179 -23.60 -11.80 17.59
CA THR A 179 -22.88 -10.90 16.69
C THR A 179 -22.84 -9.46 17.15
N SER A 180 -23.69 -9.03 18.08
CA SER A 180 -23.63 -7.68 18.59
C SER A 180 -22.51 -7.54 19.62
N GLY A 181 -21.79 -6.43 19.55
CA GLY A 181 -20.73 -6.16 20.49
C GLY A 181 -19.51 -7.06 20.36
N VAL A 182 -19.20 -7.53 19.16
CA VAL A 182 -18.06 -8.41 18.92
C VAL A 182 -16.90 -7.61 18.34
N HIS A 183 -15.70 -7.87 18.82
CA HIS A 183 -14.49 -7.26 18.29
C HIS A 183 -13.42 -8.34 18.14
N THR A 184 -13.11 -8.71 16.90
CA THR A 184 -11.97 -9.56 16.61
C THR A 184 -10.85 -8.67 16.06
N PHE A 185 -9.68 -8.72 16.71
CA PHE A 185 -8.61 -7.79 16.40
C PHE A 185 -7.77 -8.30 15.23
N PRO A 186 -7.13 -7.39 14.49
CA PRO A 186 -6.17 -7.84 13.47
C PRO A 186 -5.03 -8.61 14.11
N ALA A 187 -4.61 -9.68 13.44
CA ALA A 187 -3.46 -10.45 13.90
C ALA A 187 -2.20 -9.61 13.89
N VAL A 188 -1.32 -9.89 14.84
CA VAL A 188 0.03 -9.30 14.88
C VAL A 188 1.04 -10.42 14.62
N LEU A 189 2.08 -10.10 13.86
CA LEU A 189 3.15 -11.03 13.59
C LEU A 189 4.17 -10.99 14.74
N GLN A 190 4.35 -12.12 15.41
CA GLN A 190 5.34 -12.18 16.48
C GLN A 190 6.75 -12.37 15.91
N SER A 191 7.74 -12.05 16.76
CA SER A 191 9.13 -12.31 16.40
C SER A 191 9.36 -13.78 16.08
N SER A 192 8.54 -14.66 16.65
CA SER A 192 8.60 -16.08 16.34
C SER A 192 8.37 -16.37 14.87
N GLY A 193 7.71 -15.45 14.15
CA GLY A 193 7.25 -15.70 12.81
C GLY A 193 5.82 -16.17 12.72
N LEU A 194 5.17 -16.44 13.85
CA LEU A 194 3.77 -16.85 13.87
C LEU A 194 2.90 -15.68 14.32
N TYR A 195 1.62 -15.73 13.95
CA TYR A 195 0.69 -14.68 14.25
C TYR A 195 -0.05 -14.98 15.55
N SER A 196 -0.76 -13.98 16.06
CA SER A 196 -1.72 -14.18 17.14
C SER A 196 -2.68 -13.01 17.17
N LEU A 197 -3.89 -13.29 17.66
CA LEU A 197 -4.91 -12.25 17.81
C LEU A 197 -5.79 -12.59 19.01
N SER A 198 -6.64 -11.64 19.36
CA SER A 198 -7.68 -11.82 20.35
C SER A 198 -9.02 -11.45 19.75
N SER A 199 -10.06 -12.20 20.12
CA SER A 199 -11.43 -11.84 19.86
C SER A 199 -12.14 -11.65 21.19
N VAL A 200 -12.93 -10.59 21.31
CA VAL A 200 -13.64 -10.30 22.56
C VAL A 200 -15.08 -9.90 22.25
N VAL A 201 -15.92 -9.99 23.28
CA VAL A 201 -17.33 -9.60 23.20
C VAL A 201 -17.72 -9.03 24.56
N THR A 202 -18.59 -8.03 24.56
CA THR A 202 -19.16 -7.51 25.79
C THR A 202 -20.61 -7.95 25.90
N VAL A 203 -20.95 -8.51 27.07
CA VAL A 203 -22.26 -9.11 27.31
C VAL A 203 -22.83 -8.50 28.59
N PRO A 204 -24.14 -8.52 28.79
CA PRO A 204 -24.67 -8.05 30.07
C PRO A 204 -24.18 -8.90 31.23
N SER A 205 -23.91 -8.24 32.35
CA SER A 205 -23.72 -8.97 33.60
C SER A 205 -24.88 -9.93 33.87
N SER A 206 -26.02 -9.72 33.22
CA SER A 206 -27.18 -10.59 33.40
C SER A 206 -26.91 -12.01 32.92
N SER A 207 -26.17 -12.18 31.83
CA SER A 207 -26.13 -13.46 31.12
C SER A 207 -24.95 -14.35 31.49
N LEU A 208 -24.19 -14.02 32.54
CA LEU A 208 -23.08 -14.86 32.95
C LEU A 208 -23.53 -16.13 33.65
N GLY A 209 -24.83 -16.31 33.86
CA GLY A 209 -25.35 -17.53 34.46
C GLY A 209 -26.52 -18.13 33.71
N THR A 210 -26.94 -17.49 32.61
CA THR A 210 -28.09 -17.96 31.85
C THR A 210 -27.81 -18.20 30.37
N GLN A 211 -26.62 -17.88 29.86
CA GLN A 211 -26.29 -18.28 28.50
C GLN A 211 -24.80 -18.58 28.35
N THR A 212 -24.52 -19.64 27.60
CA THR A 212 -23.16 -20.12 27.37
C THR A 212 -22.54 -19.42 26.18
N TYR A 213 -21.23 -19.17 26.29
CA TYR A 213 -20.45 -18.45 25.27
C TYR A 213 -19.25 -19.31 24.88
N ILE A 214 -19.25 -19.82 23.66
CA ILE A 214 -18.13 -20.57 23.10
C ILE A 214 -17.63 -19.83 21.87
N CYS A 215 -16.32 -19.71 21.74
CA CYS A 215 -15.71 -19.16 20.54
C CYS A 215 -15.27 -20.29 19.63
N ASN A 216 -15.70 -20.24 18.38
CA ASN A 216 -15.34 -21.24 17.38
C ASN A 216 -14.22 -20.70 16.51
N VAL A 217 -13.01 -21.24 16.69
CA VAL A 217 -11.86 -20.84 15.89
C VAL A 217 -11.68 -21.84 14.76
N ASN A 218 -11.33 -21.33 13.58
CA ASN A 218 -11.07 -22.18 12.43
C ASN A 218 -9.83 -21.66 11.71
N HIS A 219 -8.87 -22.55 11.47
CA HIS A 219 -7.63 -22.22 10.77
C HIS A 219 -7.51 -23.21 9.61
N LYS A 220 -8.10 -22.87 8.48
CA LYS A 220 -8.16 -23.80 7.36
C LYS A 220 -6.80 -24.25 6.84
N PRO A 221 -5.76 -23.42 6.76
CA PRO A 221 -4.47 -23.92 6.26
C PRO A 221 -3.90 -25.09 7.02
N SER A 222 -4.31 -25.29 8.28
CA SER A 222 -3.90 -26.45 9.08
C SER A 222 -5.03 -27.45 9.28
N ASN A 223 -6.23 -27.15 8.77
CA ASN A 223 -7.42 -27.99 8.98
C ASN A 223 -7.72 -28.20 10.47
N THR A 224 -7.37 -27.24 11.30
CA THR A 224 -7.61 -27.34 12.75
C THR A 224 -8.80 -26.48 13.14
N LYS A 225 -9.74 -27.10 13.86
CA LYS A 225 -10.89 -26.41 14.43
C LYS A 225 -10.88 -26.57 15.94
N VAL A 226 -11.15 -25.48 16.66
CA VAL A 226 -11.26 -25.51 18.11
C VAL A 226 -12.49 -24.71 18.51
N ASP A 227 -13.37 -25.32 19.30
CA ASP A 227 -14.50 -24.63 19.91
C ASP A 227 -14.23 -24.64 21.42
N LYS A 228 -13.87 -23.48 21.96
CA LYS A 228 -13.51 -23.35 23.37
C LYS A 228 -14.49 -22.39 24.04
N LYS A 229 -15.18 -22.87 25.07
CA LYS A 229 -16.22 -22.08 25.70
C LYS A 229 -15.65 -21.24 26.84
N VAL A 230 -16.22 -20.05 27.02
CA VAL A 230 -15.67 -19.01 27.88
C VAL A 230 -16.71 -18.71 28.97
N GLU A 231 -16.35 -19.00 30.22
CA GLU A 231 -17.15 -18.68 31.40
C GLU A 231 -16.20 -18.44 32.57
N PRO A 232 -16.68 -17.79 33.67
CA PRO A 232 -15.83 -17.40 34.80
C PRO A 232 -14.82 -18.44 35.29
N ASP B 1 15.23 9.60 -5.77
CA ASP B 1 13.87 9.68 -6.30
C ASP B 1 13.09 10.79 -5.62
N ILE B 2 12.04 11.29 -6.30
CA ILE B 2 11.25 12.36 -5.72
C ILE B 2 10.45 11.84 -4.54
N VAL B 3 10.40 12.64 -3.47
CA VAL B 3 9.64 12.31 -2.27
C VAL B 3 8.34 13.11 -2.29
N MET B 4 7.22 12.41 -2.15
CA MET B 4 5.91 13.03 -1.98
C MET B 4 5.52 12.96 -0.51
N THR B 5 5.19 14.11 0.07
CA THR B 5 4.83 14.19 1.50
C THR B 5 3.38 14.67 1.61
N GLN B 6 2.50 13.80 2.07
CA GLN B 6 1.11 14.16 2.28
C GLN B 6 0.90 14.67 3.70
N SER B 7 0.00 15.65 3.84
CA SER B 7 -0.34 16.24 5.12
C SER B 7 -1.82 16.59 5.15
N PRO B 8 -2.52 16.32 6.28
CA PRO B 8 -2.01 15.57 7.44
C PRO B 8 -1.99 14.08 7.14
N SER B 9 -1.49 13.25 8.07
CA SER B 9 -1.56 11.81 7.86
C SER B 9 -2.94 11.26 8.21
N PHE B 10 -3.58 11.85 9.22
CA PHE B 10 -4.89 11.44 9.68
C PHE B 10 -5.73 12.69 9.92
N LEU B 11 -6.99 12.65 9.52
CA LEU B 11 -7.90 13.73 9.84
C LEU B 11 -9.32 13.20 9.95
N SER B 12 -10.10 13.84 10.82
CA SER B 12 -11.49 13.48 11.06
C SER B 12 -12.41 14.54 10.48
N ALA B 13 -13.57 14.09 9.99
CA ALA B 13 -14.57 15.01 9.46
C ALA B 13 -15.94 14.35 9.57
N SER B 14 -16.97 15.14 9.36
CA SER B 14 -18.35 14.68 9.39
C SER B 14 -18.98 14.81 8.01
N VAL B 15 -20.06 14.06 7.80
CA VAL B 15 -20.80 14.15 6.54
C VAL B 15 -21.23 15.59 6.31
N GLY B 16 -20.91 16.11 5.13
CA GLY B 16 -21.22 17.48 4.77
C GLY B 16 -20.08 18.45 4.95
N ASP B 17 -18.97 18.03 5.57
CA ASP B 17 -17.82 18.90 5.74
C ASP B 17 -17.09 19.11 4.41
N ARG B 18 -16.34 20.20 4.34
CA ARG B 18 -15.40 20.44 3.25
C ARG B 18 -14.01 20.06 3.73
N VAL B 19 -13.32 19.23 2.95
CA VAL B 19 -12.10 18.55 3.37
C VAL B 19 -10.99 18.83 2.36
N THR B 20 -9.80 19.14 2.87
CA THR B 20 -8.64 19.47 2.05
C THR B 20 -7.46 18.62 2.49
N ILE B 21 -6.84 17.95 1.53
CA ILE B 21 -5.66 17.12 1.74
C ILE B 21 -4.55 17.67 0.85
N THR B 22 -3.34 17.80 1.40
CA THR B 22 -2.23 18.36 0.65
C THR B 22 -1.15 17.31 0.40
N CYS B 23 -0.43 17.51 -0.69
CA CYS B 23 0.74 16.73 -1.05
C CYS B 23 1.83 17.70 -1.47
N ARG B 24 3.07 17.42 -1.08
CA ARG B 24 4.19 18.30 -1.36
C ARG B 24 5.33 17.50 -1.96
N ALA B 25 5.86 17.97 -3.09
CA ALA B 25 6.92 17.27 -3.82
C ALA B 25 8.28 17.84 -3.45
N SER B 26 9.28 16.96 -3.38
CA SER B 26 10.63 17.39 -3.05
C SER B 26 11.26 18.24 -4.15
N GLN B 27 10.69 18.22 -5.36
CA GLN B 27 11.09 19.12 -6.42
C GLN B 27 9.93 19.22 -7.41
N GLY B 28 10.05 20.14 -8.37
CA GLY B 28 8.95 20.41 -9.26
C GLY B 28 8.58 19.20 -10.11
N ILE B 29 7.27 18.99 -10.28
CA ILE B 29 6.75 17.88 -11.06
C ILE B 29 5.69 18.37 -12.03
N ASP B 30 5.68 19.69 -12.29
CA ASP B 30 4.68 20.36 -13.15
C ASP B 30 3.28 19.98 -12.66
N ARG B 31 2.44 19.36 -13.53
CA ARG B 31 1.10 18.93 -13.14
C ARG B 31 0.94 17.41 -13.17
N TYR B 32 2.05 16.67 -13.23
CA TYR B 32 1.97 15.22 -13.42
C TYR B 32 1.76 14.53 -12.07
N LEU B 33 0.57 14.76 -11.51
CA LEU B 33 0.23 14.22 -10.21
C LEU B 33 -1.18 13.66 -10.25
N ALA B 34 -1.35 12.47 -9.67
CA ALA B 34 -2.62 11.78 -9.62
C ALA B 34 -2.98 11.49 -8.16
N TRP B 35 -4.29 11.38 -7.90
CA TRP B 35 -4.83 11.09 -6.58
C TRP B 35 -5.62 9.79 -6.63
N TYR B 36 -5.49 8.98 -5.59
CA TYR B 36 -6.17 7.70 -5.49
C TYR B 36 -6.92 7.60 -4.17
N GLN B 37 -7.98 6.80 -4.18
CA GLN B 37 -8.73 6.45 -3.00
C GLN B 37 -8.60 4.94 -2.75
N GLN B 38 -8.40 4.55 -1.50
CA GLN B 38 -8.37 3.13 -1.18
C GLN B 38 -9.11 2.87 0.12
N LYS B 39 -9.99 1.90 0.09
CA LYS B 39 -10.64 1.37 1.28
C LYS B 39 -10.05 0.00 1.62
N PRO B 40 -10.04 -0.38 2.89
CA PRO B 40 -9.36 -1.64 3.26
C PRO B 40 -9.97 -2.84 2.55
N GLY B 41 -9.10 -3.74 2.11
CA GLY B 41 -9.53 -4.91 1.38
C GLY B 41 -9.80 -4.73 -0.09
N SER B 42 -9.48 -3.57 -0.68
CA SER B 42 -9.77 -3.35 -2.09
C SER B 42 -8.65 -2.57 -2.75
N ALA B 43 -8.66 -2.59 -4.08
CA ALA B 43 -7.63 -1.94 -4.87
C ALA B 43 -7.82 -0.43 -4.84
N PRO B 44 -6.73 0.32 -5.04
CA PRO B 44 -6.88 1.77 -5.21
C PRO B 44 -7.77 2.12 -6.39
N LYS B 45 -8.33 3.33 -6.33
CA LYS B 45 -9.21 3.86 -7.37
C LYS B 45 -8.71 5.24 -7.76
N LEU B 46 -8.45 5.42 -9.04
CA LEU B 46 -7.99 6.69 -9.58
C LEU B 46 -9.10 7.73 -9.47
N LEU B 47 -8.82 8.86 -8.82
CA LEU B 47 -9.81 9.92 -8.71
C LEU B 47 -9.52 11.06 -9.65
N ILE B 48 -8.26 11.47 -9.72
CA ILE B 48 -7.83 12.69 -10.38
C ILE B 48 -6.48 12.44 -11.02
N TYR B 49 -6.25 13.01 -12.18
CA TYR B 49 -4.95 12.93 -12.83
C TYR B 49 -4.66 14.28 -13.47
N ALA B 50 -3.40 14.49 -13.83
CA ALA B 50 -2.91 15.79 -14.29
C ALA B 50 -3.24 16.89 -13.28
N ALA B 51 -3.33 16.51 -12.00
CA ALA B 51 -3.53 17.39 -10.85
C ALA B 51 -4.96 17.92 -10.72
N SER B 52 -5.67 18.12 -11.84
CA SER B 52 -6.98 18.75 -11.79
C SER B 52 -8.05 18.06 -12.61
N THR B 53 -7.75 16.98 -13.32
CA THR B 53 -8.72 16.35 -14.21
C THR B 53 -9.40 15.19 -13.50
N LEU B 54 -10.73 15.23 -13.48
CA LEU B 54 -11.53 14.25 -12.78
C LEU B 54 -11.72 13.01 -13.65
N GLN B 55 -11.26 11.86 -13.16
CA GLN B 55 -11.47 10.61 -13.88
C GLN B 55 -12.96 10.35 -14.04
N SER B 56 -13.33 9.79 -15.19
CA SER B 56 -14.75 9.55 -15.46
C SER B 56 -15.34 8.64 -14.39
N GLY B 57 -16.60 8.91 -14.04
CA GLY B 57 -17.30 8.16 -13.02
C GLY B 57 -17.07 8.63 -11.59
N VAL B 58 -16.06 9.46 -11.37
CA VAL B 58 -15.78 9.97 -10.02
C VAL B 58 -16.72 11.14 -9.73
N PRO B 59 -17.41 11.14 -8.59
CA PRO B 59 -18.40 12.20 -8.32
C PRO B 59 -17.77 13.59 -8.35
N SER B 60 -18.55 14.56 -8.83
CA SER B 60 -18.05 15.92 -9.05
C SER B 60 -17.65 16.64 -7.77
N ARG B 61 -18.01 16.11 -6.59
CA ARG B 61 -17.58 16.75 -5.34
C ARG B 61 -16.08 16.60 -5.10
N PHE B 62 -15.41 15.65 -5.75
CA PHE B 62 -13.96 15.58 -5.71
C PHE B 62 -13.38 16.60 -6.68
N SER B 63 -12.29 17.26 -6.28
CA SER B 63 -11.61 18.20 -7.16
C SER B 63 -10.17 18.34 -6.70
N GLY B 64 -9.29 18.70 -7.64
CA GLY B 64 -7.88 18.83 -7.35
C GLY B 64 -7.31 20.09 -7.97
N SER B 65 -6.19 20.54 -7.41
CA SER B 65 -5.50 21.71 -7.96
C SER B 65 -4.04 21.68 -7.52
N GLY B 66 -3.26 22.63 -8.03
CA GLY B 66 -1.87 22.78 -7.66
C GLY B 66 -0.93 22.72 -8.83
N SER B 67 0.28 23.22 -8.66
CA SER B 67 1.27 23.21 -9.74
C SER B 67 2.66 23.07 -9.15
N GLU B 68 3.60 22.68 -10.01
CA GLU B 68 5.01 22.59 -9.62
C GLU B 68 5.23 21.67 -8.43
N THR B 69 5.02 22.16 -7.21
CA THR B 69 5.38 21.39 -6.03
C THR B 69 4.33 21.34 -4.92
N ASP B 70 3.20 22.05 -5.06
CA ASP B 70 2.16 22.07 -4.03
C ASP B 70 0.82 21.68 -4.65
N PHE B 71 0.19 20.63 -4.11
CA PHE B 71 -1.06 20.14 -4.67
C PHE B 71 -2.03 19.80 -3.55
N THR B 72 -3.31 20.02 -3.81
CA THR B 72 -4.35 19.68 -2.85
C THR B 72 -5.47 18.90 -3.54
N LEU B 73 -6.14 18.05 -2.78
CA LEU B 73 -7.38 17.41 -3.17
C LEU B 73 -8.49 17.89 -2.26
N THR B 74 -9.62 18.29 -2.84
CA THR B 74 -10.74 18.80 -2.07
C THR B 74 -11.97 17.93 -2.27
N ILE B 75 -12.69 17.67 -1.19
CA ILE B 75 -14.02 17.09 -1.23
C ILE B 75 -14.99 18.14 -0.70
N SER B 76 -15.87 18.62 -1.56
CA SER B 76 -16.68 19.79 -1.23
C SER B 76 -17.61 19.51 -0.05
N SER B 77 -18.32 18.37 -0.09
CA SER B 77 -19.23 18.00 1.00
C SER B 77 -19.22 16.49 1.12
N LEU B 78 -18.65 15.98 2.20
CA LEU B 78 -18.42 14.55 2.38
C LEU B 78 -19.70 13.74 2.34
N GLN B 79 -19.58 12.52 1.82
CA GLN B 79 -20.56 11.45 1.89
C GLN B 79 -19.96 10.28 2.66
N PRO B 80 -20.79 9.40 3.22
CA PRO B 80 -20.25 8.21 3.92
C PRO B 80 -19.31 7.38 3.07
N ASP B 81 -19.51 7.35 1.75
CA ASP B 81 -18.64 6.59 0.87
C ASP B 81 -17.22 7.13 0.81
N ASP B 82 -16.96 8.34 1.33
CA ASP B 82 -15.67 8.98 1.13
C ASP B 82 -14.66 8.74 2.25
N PHE B 83 -15.08 8.10 3.35
CA PHE B 83 -14.14 7.78 4.42
C PHE B 83 -13.21 6.65 3.98
N ALA B 84 -11.92 6.96 3.87
CA ALA B 84 -10.97 6.10 3.17
C ALA B 84 -9.55 6.66 3.32
N THR B 85 -8.57 6.00 2.71
CA THR B 85 -7.21 6.53 2.66
C THR B 85 -6.94 7.07 1.26
N TYR B 86 -6.26 8.20 1.18
CA TYR B 86 -5.99 8.90 -0.08
C TYR B 86 -4.48 8.99 -0.30
N TYR B 87 -4.04 8.68 -1.52
CA TYR B 87 -2.63 8.70 -1.91
C TYR B 87 -2.43 9.63 -3.08
N CYS B 88 -1.40 10.49 -3.01
CA CYS B 88 -0.97 11.14 -4.24
C CYS B 88 0.12 10.30 -4.91
N GLN B 89 0.35 10.56 -6.19
CA GLN B 89 1.34 9.81 -6.97
C GLN B 89 1.93 10.74 -8.01
N GLN B 90 3.25 10.92 -8.00
CA GLN B 90 3.90 11.73 -9.03
C GLN B 90 4.41 10.83 -10.15
N LEU B 91 4.26 11.27 -11.38
CA LEU B 91 4.71 10.53 -12.56
C LEU B 91 5.62 11.37 -13.45
N SER B 92 6.09 12.51 -12.95
CA SER B 92 6.92 13.41 -13.74
C SER B 92 8.22 12.73 -14.15
N THR B 93 8.78 11.89 -13.28
CA THR B 93 10.03 11.19 -13.55
C THR B 93 9.82 9.86 -14.27
N TYR B 94 8.67 9.68 -14.93
CA TYR B 94 8.36 8.45 -15.64
C TYR B 94 9.57 8.01 -16.46
N PRO B 95 9.94 6.72 -16.45
CA PRO B 95 9.28 5.56 -15.84
C PRO B 95 9.62 5.29 -14.37
N THR B 96 10.06 6.29 -13.62
CA THR B 96 10.18 6.17 -12.17
C THR B 96 9.00 6.91 -11.54
N ILE B 97 8.19 6.17 -10.77
CA ILE B 97 6.96 6.65 -10.15
C ILE B 97 7.07 6.51 -8.64
N THR B 98 6.59 7.51 -7.91
CA THR B 98 6.61 7.44 -6.46
C THR B 98 5.26 7.92 -5.93
N PHE B 99 4.87 7.35 -4.78
CA PHE B 99 3.62 7.65 -4.09
C PHE B 99 3.87 8.48 -2.84
N GLY B 100 2.89 9.28 -2.47
CA GLY B 100 2.83 9.79 -1.12
C GLY B 100 2.50 8.69 -0.12
N GLN B 101 2.66 9.00 1.15
CA GLN B 101 2.50 8.00 2.20
C GLN B 101 1.04 7.80 2.63
N GLY B 102 0.13 8.66 2.19
CA GLY B 102 -1.28 8.44 2.41
C GLY B 102 -1.87 9.31 3.51
N THR B 103 -3.16 9.61 3.39
CA THR B 103 -3.90 10.38 4.38
C THR B 103 -5.20 9.65 4.67
N ARG B 104 -5.39 9.23 5.92
CA ARG B 104 -6.62 8.53 6.30
C ARG B 104 -7.66 9.52 6.79
N LEU B 105 -8.85 9.44 6.21
CA LEU B 105 -9.98 10.30 6.54
C LEU B 105 -10.98 9.47 7.34
N GLU B 106 -11.27 9.91 8.56
CA GLU B 106 -12.09 9.16 9.49
C GLU B 106 -13.30 9.96 9.92
N ILE B 107 -14.30 9.26 10.45
CA ILE B 107 -15.55 9.88 10.89
C ILE B 107 -15.35 10.49 12.28
N LYS B 108 -15.69 11.77 12.41
CA LYS B 108 -15.62 12.43 13.71
C LYS B 108 -16.90 12.19 14.50
N ARG B 109 -16.74 12.08 15.82
CA ARG B 109 -17.86 11.94 16.74
C ARG B 109 -17.42 12.49 18.09
N THR B 110 -18.27 12.34 19.10
CA THR B 110 -17.94 12.90 20.40
C THR B 110 -16.96 12.00 21.14
N VAL B 111 -16.22 12.61 22.07
CA VAL B 111 -15.25 11.89 22.89
C VAL B 111 -15.95 10.75 23.62
N ALA B 112 -15.37 9.56 23.54
CA ALA B 112 -15.91 8.36 24.18
C ALA B 112 -14.80 7.71 24.99
N ALA B 113 -15.03 7.56 26.28
CA ALA B 113 -14.02 6.98 27.15
C ALA B 113 -13.91 5.48 26.93
N PRO B 114 -12.71 4.93 26.91
CA PRO B 114 -12.56 3.47 26.79
C PRO B 114 -12.98 2.79 28.07
N SER B 115 -13.83 1.77 27.94
CA SER B 115 -14.07 0.85 29.05
C SER B 115 -12.95 -0.17 29.06
N VAL B 116 -12.15 -0.17 30.12
CA VAL B 116 -10.88 -0.89 30.15
C VAL B 116 -11.04 -2.17 30.97
N PHE B 117 -10.58 -3.28 30.39
CA PHE B 117 -10.60 -4.58 31.05
C PHE B 117 -9.22 -5.21 30.94
N ILE B 118 -8.87 -6.03 31.93
CA ILE B 118 -7.63 -6.78 31.94
C ILE B 118 -7.95 -8.24 32.15
N PHE B 119 -7.18 -9.11 31.51
CA PHE B 119 -7.41 -10.55 31.60
C PHE B 119 -6.12 -11.24 32.01
N PRO B 120 -6.18 -12.13 33.00
CA PRO B 120 -4.97 -12.85 33.42
C PRO B 120 -4.69 -14.01 32.50
N PRO B 121 -3.43 -14.45 32.42
CA PRO B 121 -3.12 -15.63 31.59
C PRO B 121 -3.86 -16.86 32.11
N SER B 122 -4.60 -17.51 31.22
CA SER B 122 -5.17 -18.81 31.53
C SER B 122 -4.06 -19.85 31.62
N ASP B 123 -4.20 -20.75 32.58
CA ASP B 123 -3.07 -21.59 32.95
C ASP B 123 -2.95 -22.87 32.12
N GLU B 124 -3.87 -23.10 31.19
CA GLU B 124 -3.54 -23.94 30.05
C GLU B 124 -2.33 -23.41 29.31
N GLN B 125 -2.28 -22.09 29.12
CA GLN B 125 -1.12 -21.44 28.53
C GLN B 125 0.09 -21.47 29.47
N LEU B 126 -0.16 -21.48 30.78
CA LEU B 126 0.93 -21.54 31.75
C LEU B 126 1.76 -22.81 31.58
N LYS B 127 1.09 -23.95 31.42
CA LYS B 127 1.78 -25.24 31.31
C LYS B 127 2.65 -25.36 30.08
N SER B 128 2.69 -24.34 29.21
CA SER B 128 3.43 -24.41 27.95
C SER B 128 4.57 -23.40 27.89
N GLY B 129 5.03 -22.88 29.03
CA GLY B 129 6.28 -22.17 29.10
C GLY B 129 6.22 -20.67 28.91
N THR B 130 5.09 -20.10 28.47
CA THR B 130 5.00 -18.66 28.28
C THR B 130 3.68 -18.16 28.82
N ALA B 131 3.67 -16.89 29.22
CA ALA B 131 2.46 -16.23 29.73
C ALA B 131 2.20 -14.95 28.96
N SER B 132 0.92 -14.72 28.65
CA SER B 132 0.49 -13.51 27.96
C SER B 132 -0.61 -12.85 28.77
N VAL B 133 -0.39 -11.58 29.12
CA VAL B 133 -1.41 -10.75 29.74
C VAL B 133 -2.02 -9.87 28.65
N VAL B 134 -3.34 -9.72 28.69
CA VAL B 134 -4.06 -8.95 27.69
C VAL B 134 -4.83 -7.84 28.40
N CYS B 135 -4.75 -6.64 27.86
CA CYS B 135 -5.53 -5.49 28.31
C CYS B 135 -6.42 -5.04 27.15
N LEU B 136 -7.69 -4.80 27.45
CA LEU B 136 -8.66 -4.41 26.44
C LEU B 136 -9.16 -3.00 26.71
N LEU B 137 -9.17 -2.17 25.67
CA LEU B 137 -9.74 -0.83 25.70
C LEU B 137 -10.89 -0.82 24.70
N ASN B 138 -12.12 -0.81 25.20
CA ASN B 138 -13.29 -1.06 24.38
C ASN B 138 -14.00 0.25 24.02
N ASN B 139 -14.27 0.43 22.72
CA ASN B 139 -15.19 1.46 22.22
C ASN B 139 -14.82 2.85 22.75
N PHE B 140 -13.67 3.33 22.30
CA PHE B 140 -13.23 4.67 22.65
C PHE B 140 -13.09 5.54 21.40
N TYR B 141 -12.94 6.84 21.64
CA TYR B 141 -12.69 7.81 20.57
C TYR B 141 -12.18 9.08 21.23
N PRO B 142 -11.16 9.74 20.67
CA PRO B 142 -10.42 9.42 19.44
C PRO B 142 -9.45 8.23 19.55
N ARG B 143 -8.75 7.91 18.44
CA ARG B 143 -7.88 6.74 18.39
C ARG B 143 -6.70 6.86 19.35
N GLU B 144 -6.13 8.06 19.50
CA GLU B 144 -4.95 8.26 20.33
C GLU B 144 -5.14 7.73 21.75
N ALA B 145 -4.42 6.66 22.10
CA ALA B 145 -4.52 6.06 23.42
C ALA B 145 -3.17 5.48 23.80
N LYS B 146 -2.72 5.79 25.00
CA LYS B 146 -1.44 5.33 25.51
C LYS B 146 -1.67 4.20 26.51
N VAL B 147 -1.01 3.06 26.28
CA VAL B 147 -1.11 1.91 27.17
C VAL B 147 0.29 1.56 27.65
N GLN B 148 0.48 1.52 28.96
CA GLN B 148 1.76 1.21 29.57
C GLN B 148 1.56 0.09 30.59
N TRP B 149 2.40 -0.93 30.52
CA TRP B 149 2.32 -2.06 31.43
C TRP B 149 3.26 -1.86 32.60
N LYS B 150 2.72 -2.00 33.81
CA LYS B 150 3.51 -1.97 35.04
C LYS B 150 3.55 -3.39 35.58
N VAL B 151 4.74 -3.95 35.75
CA VAL B 151 4.87 -5.17 36.56
C VAL B 151 5.51 -4.77 37.87
N ASP B 152 4.71 -4.83 38.95
CA ASP B 152 5.13 -4.36 40.27
C ASP B 152 5.68 -2.95 40.20
N ASN B 153 4.92 -2.06 39.55
CA ASN B 153 5.24 -0.63 39.47
C ASN B 153 6.55 -0.36 38.72
N ALA B 154 7.09 -1.38 38.04
CA ALA B 154 8.20 -1.23 37.11
C ALA B 154 7.65 -1.39 35.69
N LEU B 155 7.85 -0.38 34.85
CA LEU B 155 7.22 -0.28 33.56
C LEU B 155 8.21 -0.63 32.44
N GLN B 156 7.65 -1.05 31.31
CA GLN B 156 8.41 -1.77 30.31
C GLN B 156 8.19 -1.19 28.92
N SER B 157 9.00 -1.65 27.99
CA SER B 157 8.80 -1.46 26.56
C SER B 157 9.76 -2.38 25.82
N GLY B 158 9.45 -2.64 24.56
CA GLY B 158 10.11 -3.68 23.79
C GLY B 158 9.57 -5.07 24.03
N ASN B 159 8.54 -5.20 24.87
CA ASN B 159 8.00 -6.47 25.29
C ASN B 159 6.51 -6.61 25.00
N SER B 160 5.90 -5.61 24.36
CA SER B 160 4.46 -5.53 24.23
C SER B 160 4.08 -5.25 22.79
N GLN B 161 3.07 -5.96 22.29
CA GLN B 161 2.53 -5.75 20.95
C GLN B 161 1.06 -5.40 21.07
N GLU B 162 0.61 -4.45 20.24
CA GLU B 162 -0.76 -3.99 20.32
C GLU B 162 -1.42 -4.01 18.94
N SER B 163 -2.74 -3.96 18.97
CA SER B 163 -3.53 -4.04 17.76
C SER B 163 -4.82 -3.27 17.99
N VAL B 164 -5.39 -2.75 16.92
CA VAL B 164 -6.53 -1.85 16.99
C VAL B 164 -7.56 -2.30 15.95
N THR B 165 -8.83 -2.22 16.29
CA THR B 165 -9.83 -2.43 15.25
C THR B 165 -9.94 -1.18 14.37
N GLU B 166 -10.71 -1.29 13.31
CA GLU B 166 -11.07 -0.14 12.50
C GLU B 166 -12.33 0.52 13.06
N GLN B 167 -12.55 1.76 12.66
CA GLN B 167 -13.68 2.54 13.17
C GLN B 167 -15.00 1.80 12.96
N ASP B 168 -15.74 1.62 14.06
CA ASP B 168 -16.89 0.72 14.05
C ASP B 168 -17.99 1.20 13.10
N SER B 169 -18.66 0.24 12.48
CA SER B 169 -19.73 0.54 11.54
C SER B 169 -20.84 1.36 12.20
N LYS B 170 -21.23 0.98 13.42
CA LYS B 170 -22.39 1.57 14.09
C LYS B 170 -22.06 2.89 14.80
N ASP B 171 -21.13 2.86 15.76
CA ASP B 171 -20.91 4.00 16.64
C ASP B 171 -19.62 4.74 16.38
N SER B 172 -18.84 4.35 15.36
CA SER B 172 -17.62 5.07 14.96
C SER B 172 -16.57 5.13 16.07
N THR B 173 -16.54 4.13 16.95
CA THR B 173 -15.53 4.06 17.99
C THR B 173 -14.43 3.07 17.60
N TYR B 174 -13.37 3.07 18.40
CA TYR B 174 -12.24 2.17 18.23
C TYR B 174 -12.12 1.26 19.44
N SER B 175 -11.45 0.12 19.23
CA SER B 175 -11.07 -0.76 20.32
C SER B 175 -9.64 -1.22 20.09
N LEU B 176 -8.93 -1.48 21.18
CA LEU B 176 -7.50 -1.72 21.16
C LEU B 176 -7.15 -2.85 22.11
N SER B 177 -6.27 -3.74 21.68
CA SER B 177 -5.76 -4.84 22.48
C SER B 177 -4.26 -4.67 22.67
N SER B 178 -3.79 -4.75 23.90
CA SER B 178 -2.37 -4.73 24.20
C SER B 178 -1.98 -6.03 24.87
N THR B 179 -1.06 -6.77 24.25
CA THR B 179 -0.64 -8.08 24.73
C THR B 179 0.79 -7.99 25.23
N LEU B 180 1.02 -8.38 26.48
CA LEU B 180 2.34 -8.40 27.09
C LEU B 180 2.78 -9.85 27.24
N THR B 181 3.95 -10.18 26.70
CA THR B 181 4.44 -11.56 26.66
C THR B 181 5.68 -11.69 27.53
N LEU B 182 5.72 -12.75 28.34
CA LEU B 182 6.88 -13.09 29.15
C LEU B 182 7.03 -14.60 29.21
N SER B 183 8.28 -15.05 29.36
CA SER B 183 8.52 -16.43 29.76
C SER B 183 8.05 -16.62 31.20
N LYS B 184 7.32 -17.71 31.44
CA LYS B 184 6.68 -17.89 32.74
C LYS B 184 7.67 -18.08 33.88
N ALA B 185 8.94 -18.37 33.58
CA ALA B 185 9.97 -18.25 34.61
C ALA B 185 9.98 -16.83 35.18
N ASP B 186 9.94 -15.83 34.29
CA ASP B 186 9.84 -14.43 34.70
C ASP B 186 8.42 -14.01 35.06
N TYR B 187 7.39 -14.72 34.56
CA TYR B 187 6.02 -14.36 34.91
C TYR B 187 5.78 -14.40 36.42
N GLU B 188 6.24 -15.44 37.13
CA GLU B 188 6.15 -15.40 38.60
C GLU B 188 7.49 -15.17 39.28
N LYS B 189 8.46 -14.62 38.56
CA LYS B 189 9.48 -13.83 39.23
C LYS B 189 8.84 -12.65 39.98
N HIS B 190 7.79 -12.04 39.40
CA HIS B 190 7.22 -10.80 39.90
C HIS B 190 5.78 -11.00 40.39
N LYS B 191 5.15 -9.88 40.79
CA LYS B 191 3.97 -9.89 41.66
C LYS B 191 2.76 -9.20 41.02
N VAL B 192 2.71 -7.84 40.97
CA VAL B 192 1.61 -7.09 40.37
C VAL B 192 1.92 -6.87 38.90
N TYR B 193 0.89 -6.91 38.06
CA TYR B 193 0.99 -6.44 36.69
C TYR B 193 -0.18 -5.51 36.42
N ALA B 194 0.11 -4.28 36.00
CA ALA B 194 -0.91 -3.25 35.81
C ALA B 194 -0.98 -2.83 34.36
N CYS B 195 -2.19 -2.49 33.91
CA CYS B 195 -2.43 -1.91 32.59
C CYS B 195 -2.85 -0.46 32.82
N GLU B 196 -1.92 0.48 32.59
CA GLU B 196 -2.21 1.91 32.72
C GLU B 196 -2.59 2.49 31.36
N VAL B 197 -3.71 3.20 31.33
CA VAL B 197 -4.28 3.72 30.09
C VAL B 197 -4.40 5.24 30.18
N THR B 198 -3.83 5.93 29.21
CA THR B 198 -4.01 7.36 29.03
C THR B 198 -4.92 7.60 27.83
N HIS B 199 -5.92 8.46 27.99
CA HIS B 199 -6.81 8.79 26.90
C HIS B 199 -7.43 10.16 27.18
N GLN B 200 -7.90 10.79 26.11
CA GLN B 200 -8.48 12.12 26.21
C GLN B 200 -9.77 12.11 27.03
N GLY B 201 -10.55 11.04 26.93
CA GLY B 201 -11.83 10.95 27.60
C GLY B 201 -11.80 10.49 29.03
N LEU B 202 -10.61 10.27 29.57
CA LEU B 202 -10.42 9.89 30.96
C LEU B 202 -9.86 11.09 31.72
N SER B 203 -10.49 11.41 32.85
CA SER B 203 -10.02 12.56 33.64
C SER B 203 -8.58 12.37 34.09
N SER B 204 -8.24 11.15 34.53
CA SER B 204 -6.90 10.82 34.97
C SER B 204 -6.60 9.40 34.51
N PRO B 205 -5.34 9.07 34.22
CA PRO B 205 -5.02 7.74 33.70
C PRO B 205 -5.61 6.63 34.56
N VAL B 206 -6.15 5.61 33.90
CA VAL B 206 -6.82 4.49 34.56
C VAL B 206 -5.91 3.27 34.48
N THR B 207 -5.74 2.59 35.61
CA THR B 207 -4.96 1.36 35.67
C THR B 207 -5.78 0.27 36.36
N LYS B 208 -6.09 -0.78 35.62
CA LYS B 208 -6.71 -1.98 36.18
C LYS B 208 -5.67 -3.09 36.17
N SER B 209 -5.51 -3.79 37.29
CA SER B 209 -4.32 -4.60 37.50
C SER B 209 -4.64 -5.94 38.17
N PHE B 210 -3.74 -6.90 37.96
CA PHE B 210 -3.85 -8.22 38.57
C PHE B 210 -2.60 -8.54 39.37
N ASN B 211 -2.69 -9.66 40.11
CA ASN B 211 -1.59 -10.23 40.87
C ASN B 211 -1.63 -11.75 40.80
N ARG B 212 -0.47 -12.34 40.76
CA ARG B 212 -0.39 -13.78 40.56
C ARG B 212 -1.18 -14.61 41.56
N GLY B 213 -2.24 -15.26 41.10
CA GLY B 213 -3.27 -15.77 41.96
C GLY B 213 -4.54 -14.95 41.94
N GLU B 214 -4.60 -13.92 41.10
CA GLU B 214 -5.79 -13.10 40.97
C GLU B 214 -6.91 -13.92 40.35
N ALA C 2 11.64 1.32 -37.02
CA ALA C 2 10.81 0.96 -35.86
C ALA C 2 9.57 1.84 -35.81
N ASP C 3 8.56 1.35 -35.09
CA ASP C 3 7.41 2.18 -34.77
C ASP C 3 7.85 3.47 -34.08
N LEU C 4 7.17 4.56 -34.42
CA LEU C 4 7.44 5.85 -33.78
C LEU C 4 7.26 5.78 -32.26
N ARG C 5 6.26 5.04 -31.79
CA ARG C 5 6.05 4.91 -30.34
C ARG C 5 7.22 4.18 -29.70
N SER C 6 7.73 3.14 -30.34
CA SER C 6 8.88 2.43 -29.80
C SER C 6 10.10 3.35 -29.71
N ASN C 7 10.31 4.19 -30.73
CA ASN C 7 11.43 5.11 -30.68
C ASN C 7 11.22 6.16 -29.59
N TRP C 8 10.01 6.70 -29.50
CA TRP C 8 9.71 7.63 -28.43
C TRP C 8 9.98 7.02 -27.07
N GLU C 9 9.54 5.78 -26.86
CA GLU C 9 9.71 5.15 -25.56
C GLU C 9 11.17 4.78 -25.30
N ASP C 10 11.97 4.55 -26.35
CA ASP C 10 13.40 4.37 -26.14
C ASP C 10 14.05 5.62 -25.53
N LEU C 11 13.62 6.81 -25.93
CA LEU C 11 14.20 8.00 -25.35
C LEU C 11 13.73 8.20 -23.91
N LEU C 12 12.52 7.73 -23.58
CA LEU C 12 11.97 7.94 -22.23
C LEU C 12 12.61 7.00 -21.23
N PHE C 13 12.57 5.70 -21.52
CA PHE C 13 13.01 4.66 -20.59
C PHE C 13 14.52 4.64 -20.41
N ASN C 14 15.28 5.02 -21.43
CA ASN C 14 16.72 4.96 -21.30
C ASN C 14 17.29 6.10 -20.46
N LEU C 15 16.55 7.20 -20.34
CA LEU C 15 17.00 8.26 -19.43
C LEU C 15 17.03 7.76 -17.99
N ALA C 16 16.09 6.90 -17.60
CA ALA C 16 16.12 6.34 -16.25
C ALA C 16 17.32 5.42 -16.08
N GLN C 17 17.66 4.66 -17.12
CA GLN C 17 18.82 3.79 -17.03
C GLN C 17 20.11 4.61 -16.88
N ILE C 18 20.16 5.79 -17.47
CA ILE C 18 21.31 6.66 -17.31
C ILE C 18 21.36 7.22 -15.89
N GLU C 19 20.22 7.68 -15.39
CA GLU C 19 20.22 8.31 -14.07
C GLU C 19 20.59 7.33 -12.96
N LYS C 20 20.28 6.04 -13.12
CA LYS C 20 20.55 5.07 -12.06
C LYS C 20 21.90 4.38 -12.22
N ALA C 21 22.65 4.66 -13.29
CA ALA C 21 23.85 3.91 -13.57
C ALA C 21 24.95 4.22 -12.54
N ASP C 22 25.83 3.25 -12.34
CA ASP C 22 27.03 3.47 -11.53
C ASP C 22 28.31 3.12 -12.27
N ASN C 23 28.24 2.86 -13.58
CA ASN C 23 29.44 2.61 -14.35
C ASN C 23 29.22 3.13 -15.78
N ALA C 24 30.34 3.32 -16.49
CA ALA C 24 30.28 3.94 -17.80
C ALA C 24 29.54 3.06 -18.80
N ALA C 25 29.72 1.75 -18.71
CA ALA C 25 29.12 0.83 -19.68
C ALA C 25 27.61 1.03 -19.75
N GLN C 26 26.95 1.09 -18.58
CA GLN C 26 25.51 1.30 -18.58
C GLN C 26 25.15 2.61 -19.29
N VAL C 27 25.91 3.67 -19.04
CA VAL C 27 25.56 4.96 -19.63
C VAL C 27 25.71 4.91 -21.14
N LYS C 28 26.80 4.33 -21.64
CA LYS C 28 27.01 4.29 -23.09
C LYS C 28 25.99 3.38 -23.78
N ASP C 29 25.69 2.23 -23.18
CA ASP C 29 24.64 1.36 -23.72
C ASP C 29 23.33 2.12 -23.85
N ALA C 30 22.93 2.87 -22.81
CA ALA C 30 21.69 3.64 -22.89
C ALA C 30 21.78 4.78 -23.91
N LEU C 31 22.89 5.51 -23.92
CA LEU C 31 23.03 6.59 -24.90
C LEU C 31 23.02 6.06 -26.33
N THR C 32 23.62 4.88 -26.55
CA THR C 32 23.70 4.29 -27.89
C THR C 32 22.32 3.89 -28.39
N LYS C 33 21.45 3.42 -27.50
CA LYS C 33 20.09 3.10 -27.90
C LYS C 33 19.29 4.36 -28.19
N MET C 34 19.52 5.43 -27.40
CA MET C 34 18.84 6.69 -27.67
C MET C 34 19.24 7.25 -29.03
N ARG C 35 20.52 7.17 -29.36
CA ARG C 35 20.99 7.67 -30.65
C ARG C 35 20.28 6.96 -31.80
N ALA C 36 20.25 5.63 -31.76
CA ALA C 36 19.63 4.87 -32.85
C ALA C 36 18.14 5.18 -32.94
N ALA C 37 17.47 5.33 -31.79
CA ALA C 37 16.06 5.66 -31.81
C ALA C 37 15.84 7.04 -32.42
N ALA C 38 16.71 7.99 -32.10
CA ALA C 38 16.55 9.36 -32.59
C ALA C 38 16.78 9.42 -34.09
N LEU C 39 17.81 8.73 -34.59
CA LEU C 39 18.06 8.72 -36.02
C LEU C 39 16.96 8.00 -36.79
N ASP C 40 16.40 6.94 -36.21
CA ASP C 40 15.30 6.25 -36.90
C ASP C 40 14.04 7.12 -36.93
N ALA C 41 13.71 7.77 -35.82
CA ALA C 41 12.52 8.61 -35.79
C ALA C 41 12.65 9.82 -36.71
N GLN C 42 13.88 10.32 -36.87
CA GLN C 42 14.12 11.44 -37.76
C GLN C 42 13.72 11.12 -39.20
N LYS C 43 13.79 9.85 -39.60
CA LYS C 43 13.38 9.45 -40.95
C LYS C 43 11.87 9.35 -41.11
N ALA C 44 11.10 9.37 -40.02
CA ALA C 44 9.68 9.10 -40.09
C ALA C 44 8.90 10.37 -40.43
N THR C 45 7.65 10.17 -40.83
CA THR C 45 6.72 11.25 -41.05
C THR C 45 5.68 11.20 -39.94
N PRO C 46 5.72 12.09 -38.96
CA PRO C 46 4.78 12.01 -37.86
C PRO C 46 3.36 12.22 -38.34
N PRO C 47 2.37 11.57 -37.73
CA PRO C 47 1.01 11.56 -38.29
C PRO C 47 0.43 12.94 -38.58
N LYS C 48 0.72 13.95 -37.76
CA LYS C 48 0.15 15.27 -38.02
C LYS C 48 0.83 16.00 -39.18
N LEU C 49 1.84 15.39 -39.81
CA LEU C 49 2.59 16.03 -40.88
C LEU C 49 2.44 15.32 -42.23
N GLU C 50 1.44 14.44 -42.37
CA GLU C 50 1.28 13.70 -43.61
C GLU C 50 0.75 14.55 -44.76
N ASP C 51 0.07 15.66 -44.47
CA ASP C 51 -0.37 16.58 -45.51
C ASP C 51 0.73 17.48 -46.04
N LYS C 52 1.93 17.44 -45.45
CA LYS C 52 2.93 18.48 -45.64
C LYS C 52 4.05 18.02 -46.58
N SER C 53 4.56 18.96 -47.37
CA SER C 53 5.71 18.69 -48.20
C SER C 53 6.97 18.50 -47.33
N PRO C 54 7.94 17.72 -47.80
CA PRO C 54 9.20 17.59 -47.04
C PRO C 54 9.92 18.91 -46.86
N ASP C 55 9.65 19.91 -47.68
CA ASP C 55 10.27 21.22 -47.58
C ASP C 55 9.44 22.22 -46.78
N SER C 56 8.36 21.78 -46.15
CA SER C 56 7.60 22.65 -45.27
C SER C 56 8.43 23.01 -44.02
N PRO C 57 8.17 24.16 -43.42
CA PRO C 57 8.89 24.52 -42.17
C PRO C 57 8.70 23.51 -41.07
N GLU C 58 7.55 22.83 -41.01
CA GLU C 58 7.29 21.87 -39.94
C GLU C 58 8.13 20.62 -40.12
N MET C 59 8.18 20.09 -41.34
CA MET C 59 9.02 18.92 -41.61
C MET C 59 10.49 19.23 -41.34
N LYS C 60 10.97 20.37 -41.83
CA LYS C 60 12.35 20.76 -41.54
C LYS C 60 12.57 20.94 -40.04
N ASP C 61 11.61 21.58 -39.36
CA ASP C 61 11.67 21.73 -37.92
C ASP C 61 11.70 20.37 -37.22
N PHE C 62 10.85 19.44 -37.65
CA PHE C 62 10.85 18.10 -37.09
C PHE C 62 12.19 17.40 -37.31
N ARG C 63 12.67 17.36 -38.55
CA ARG C 63 13.92 16.68 -38.83
C ARG C 63 15.08 17.31 -38.07
N HIS C 64 15.12 18.64 -37.99
CA HIS C 64 16.29 19.25 -37.38
C HIS C 64 16.23 19.20 -35.85
N GLY C 65 15.04 19.10 -35.25
CA GLY C 65 14.97 18.88 -33.82
C GLY C 65 15.64 17.58 -33.41
N PHE C 66 15.56 16.57 -34.27
CA PHE C 66 16.30 15.34 -34.00
C PHE C 66 17.80 15.54 -34.17
N ASP C 67 18.22 16.45 -35.05
CA ASP C 67 19.65 16.80 -35.15
C ASP C 67 20.16 17.43 -33.86
N ILE C 68 19.39 18.35 -33.24
CA ILE C 68 19.77 18.90 -31.93
C ILE C 68 19.91 17.78 -30.91
N LEU C 69 18.92 16.89 -30.86
CA LEU C 69 18.94 15.80 -29.89
C LEU C 69 20.15 14.90 -30.08
N VAL C 70 20.45 14.53 -31.33
CA VAL C 70 21.57 13.65 -31.59
C VAL C 70 22.89 14.33 -31.24
N GLY C 71 23.02 15.61 -31.58
CA GLY C 71 24.20 16.35 -31.15
C GLY C 71 24.40 16.29 -29.64
N GLN C 72 23.31 16.48 -28.88
CA GLN C 72 23.44 16.45 -27.41
C GLN C 72 23.69 15.03 -26.91
N ILE C 73 23.07 14.04 -27.53
CA ILE C 73 23.37 12.66 -27.21
C ILE C 73 24.84 12.36 -27.44
N ASP C 74 25.41 12.90 -28.52
CA ASP C 74 26.82 12.62 -28.85
C ASP C 74 27.77 13.29 -27.86
N ASP C 75 27.41 14.47 -27.32
CA ASP C 75 28.25 15.09 -26.31
C ASP C 75 28.28 14.24 -25.04
N ALA C 76 27.12 13.76 -24.60
CA ALA C 76 27.09 12.87 -23.43
C ALA C 76 27.88 11.61 -23.71
N LEU C 77 27.74 11.07 -24.92
CA LEU C 77 28.37 9.81 -25.27
C LEU C 77 29.89 9.93 -25.24
N LYS C 78 30.42 11.06 -25.68
CA LYS C 78 31.87 11.25 -25.66
C LYS C 78 32.41 11.27 -24.23
N LEU C 79 31.67 11.87 -23.31
CA LEU C 79 32.09 11.87 -21.90
C LEU C 79 32.05 10.46 -21.32
N ALA C 80 31.01 9.69 -21.65
CA ALA C 80 30.92 8.33 -21.13
C ALA C 80 32.05 7.46 -21.67
N ASN C 81 32.43 7.64 -22.94
CA ASN C 81 33.58 6.91 -23.49
C ASN C 81 34.88 7.31 -22.79
N GLU C 82 34.96 8.53 -22.25
CA GLU C 82 36.12 8.93 -21.46
C GLU C 82 36.01 8.51 -19.98
N GLY C 83 35.01 7.69 -19.62
CA GLY C 83 34.88 7.25 -18.26
C GLY C 83 34.37 8.29 -17.28
N LYS C 84 33.80 9.39 -17.75
CA LYS C 84 33.28 10.42 -16.85
C LYS C 84 31.78 10.21 -16.68
N VAL C 85 31.44 9.33 -15.74
CA VAL C 85 30.06 8.88 -15.59
C VAL C 85 29.16 10.01 -15.14
N LYS C 86 29.54 10.72 -14.06
CA LYS C 86 28.64 11.74 -13.53
C LYS C 86 28.55 12.97 -14.46
N GLU C 87 29.64 13.32 -15.15
CA GLU C 87 29.54 14.35 -16.18
C GLU C 87 28.60 13.92 -17.29
N ALA C 88 28.71 12.67 -17.73
CA ALA C 88 27.80 12.16 -18.77
C ALA C 88 26.36 12.15 -18.28
N GLN C 89 26.14 11.77 -17.03
CA GLN C 89 24.79 11.77 -16.46
C GLN C 89 24.22 13.18 -16.41
N ALA C 90 25.05 14.16 -15.99
CA ALA C 90 24.61 15.55 -15.98
C ALA C 90 24.25 16.03 -17.38
N ALA C 91 25.13 15.76 -18.35
CA ALA C 91 24.87 16.20 -19.71
C ALA C 91 23.62 15.55 -20.31
N ALA C 92 23.22 14.39 -19.80
CA ALA C 92 22.04 13.73 -20.31
C ALA C 92 20.75 14.32 -19.77
N GLU C 93 20.82 15.17 -18.75
CA GLU C 93 19.61 15.75 -18.18
C GLU C 93 18.93 16.70 -19.17
N GLN C 94 19.70 17.34 -20.04
CA GLN C 94 19.10 18.26 -21.00
C GLN C 94 18.32 17.52 -22.09
N LEU C 95 18.51 16.20 -22.23
CA LEU C 95 17.83 15.48 -23.32
C LEU C 95 16.32 15.54 -23.16
N LYS C 96 15.83 15.50 -21.93
CA LYS C 96 14.39 15.58 -21.72
C LYS C 96 13.86 16.96 -22.09
N THR C 97 14.58 18.01 -21.72
CA THR C 97 14.21 19.35 -22.12
C THR C 97 14.16 19.46 -23.64
N THR C 98 15.19 18.96 -24.31
CA THR C 98 15.24 19.06 -25.77
C THR C 98 14.09 18.27 -26.41
N ARG C 99 13.84 17.08 -25.89
CA ARG C 99 12.76 16.23 -26.41
C ARG C 99 11.40 16.94 -26.32
N LYS C 100 11.11 17.57 -25.16
CA LYS C 100 9.84 18.30 -25.04
C LYS C 100 9.80 19.52 -25.93
N ALA C 101 10.87 20.31 -25.94
CA ALA C 101 10.85 21.60 -26.62
C ALA C 101 10.86 21.46 -28.14
N TYR C 102 11.42 20.37 -28.68
CA TYR C 102 11.64 20.27 -30.12
C TYR C 102 10.84 19.18 -30.83
N ILE C 103 10.45 18.10 -30.13
CA ILE C 103 9.91 16.92 -30.78
C ILE C 103 8.47 16.65 -30.39
N ALA C 104 8.12 16.82 -29.10
CA ALA C 104 6.84 16.33 -28.60
C ALA C 104 5.64 16.83 -29.43
N LYS C 105 5.63 18.11 -29.78
CA LYS C 105 4.41 18.66 -30.38
C LYS C 105 4.04 17.93 -31.67
N TYR C 106 5.01 17.36 -32.38
CA TYR C 106 4.73 16.70 -33.63
C TYR C 106 4.15 15.31 -33.46
N LEU C 107 3.98 14.83 -32.24
CA LEU C 107 3.40 13.53 -31.99
C LEU C 107 1.93 13.60 -31.61
N ALA C 108 1.37 14.80 -31.53
CA ALA C 108 -0.06 14.92 -31.27
C ALA C 108 -0.84 14.26 -32.41
N LYS C 109 -2.00 13.72 -32.08
CA LYS C 109 -2.77 12.97 -33.06
C LYS C 109 -3.30 13.87 -34.17
N PHE C 110 -3.57 13.23 -35.32
CA PHE C 110 -4.38 13.69 -36.48
C PHE C 110 -3.73 13.20 -37.76
#